data_2WKY
#
_entry.id   2WKY
#
_cell.length_a   71.310
_cell.length_b   71.310
_cell.length_c   234.958
_cell.angle_alpha   90.00
_cell.angle_beta   90.00
_cell.angle_gamma   90.00
#
_symmetry.space_group_name_H-M   'P 41 21 2'
#
loop_
_entity.id
_entity.type
_entity.pdbx_description
1 polymer 'GLUTAMATE RECEPTOR, IONOTROPIC KAINATE 1'
2 non-polymer 'CHLORIDE ION'
3 non-polymer 3-(3-HYDROXY-7,8-DIHYDRO-6H-CYCLOHEPTA[D]ISOXAZOL-4-YL)-L-ALANINE
4 water water
#
_entity_poly.entity_id   1
_entity_poly.type   'polypeptide(L)'
_entity_poly.pdbx_seq_one_letter_code
;GANRTLIVTTILEEPYVMYRKSDKPLYGNDRFEGYCLDLLKELSNILGFLYDVKLVPDGKYGAQNDKGEWNGMVKELIDH
RADLAVAPLTITYVREKVIDFSKPFMTLGISILYRKGTPIDSADDLAKQTKIEYGAVRDGSTMTFFKKSKISTYEKMWAF
MSSRQQSALVKNSDEGIQRVLTTDYALLMESTSIEYVTQRNCNLTQIGGLIDSKGYGVGTPIGSPYRDKITIAILQLQEE
GKLHMMKEKWWRGNGCPE
;
_entity_poly.pdbx_strand_id   A,B
#
loop_
_chem_comp.id
_chem_comp.type
_chem_comp.name
_chem_comp.formula
CL non-polymer 'CHLORIDE ION' 'Cl -1'
IBC non-polymer 3-(3-HYDROXY-7,8-DIHYDRO-6H-CYCLOHEPTA[D]ISOXAZOL-4-YL)-L-ALANINE 'C11 H14 N2 O4'
#
# COMPACT_ATOMS: atom_id res chain seq x y z
N ARG A 4 -16.06 11.65 25.02
CA ARG A 4 -15.30 12.93 24.91
C ARG A 4 -14.91 13.25 23.47
N THR A 5 -14.36 14.45 23.28
CA THR A 5 -13.96 14.93 21.96
C THR A 5 -12.49 14.65 21.68
N LEU A 6 -12.20 14.03 20.55
CA LEU A 6 -10.83 13.73 20.20
C LEU A 6 -10.13 14.94 19.59
N ILE A 7 -8.87 15.13 19.96
CA ILE A 7 -8.09 16.22 19.42
C ILE A 7 -7.36 15.62 18.22
N VAL A 8 -7.54 16.21 17.05
CA VAL A 8 -6.90 15.72 15.84
C VAL A 8 -5.90 16.74 15.33
N THR A 9 -4.62 16.38 15.34
CA THR A 9 -3.61 17.29 14.86
C THR A 9 -3.45 17.08 13.37
N THR A 10 -3.35 18.17 12.62
CA THR A 10 -3.19 18.09 11.17
C THR A 10 -2.28 19.21 10.71
N ILE A 11 -2.18 19.40 9.40
CA ILE A 11 -1.31 20.44 8.87
C ILE A 11 -1.84 20.84 7.49
N LEU A 12 -1.61 22.09 7.11
CA LEU A 12 -2.10 22.57 5.82
C LEU A 12 -1.24 22.08 4.66
N GLU A 13 -1.88 21.56 3.64
CA GLU A 13 -1.20 21.04 2.46
C GLU A 13 -2.28 20.61 1.47
N GLU A 14 -2.30 21.25 0.30
CA GLU A 14 -3.29 20.92 -0.73
C GLU A 14 -2.98 19.57 -1.31
N PRO A 15 -4.02 18.73 -1.53
CA PRO A 15 -5.39 19.11 -1.21
C PRO A 15 -5.93 18.31 -0.03
N TYR A 16 -5.06 17.93 0.88
CA TYR A 16 -5.47 17.15 2.04
C TYR A 16 -6.17 18.00 3.08
N VAL A 17 -5.58 19.15 3.37
CA VAL A 17 -6.09 20.07 4.37
C VAL A 17 -5.93 21.51 3.90
N MET A 18 -7.06 22.20 3.74
CA MET A 18 -7.02 23.59 3.28
C MET A 18 -8.07 24.45 3.96
N TYR A 19 -7.81 25.75 3.99
CA TYR A 19 -8.76 26.70 4.55
C TYR A 19 -9.90 26.84 3.57
N ARG A 20 -11.12 26.74 4.08
CA ARG A 20 -12.32 26.89 3.25
C ARG A 20 -12.41 28.34 2.79
N LYS A 21 -13.21 28.58 1.76
CA LYS A 21 -13.40 29.95 1.27
C LYS A 21 -14.78 30.47 1.58
N SER A 22 -14.83 31.57 2.34
CA SER A 22 -16.08 32.18 2.72
C SER A 22 -15.95 33.69 2.76
N ASP A 23 -17.08 34.39 2.81
CA ASP A 23 -17.10 35.84 2.84
C ASP A 23 -17.05 36.35 4.27
N LYS A 24 -16.91 35.44 5.23
CA LYS A 24 -16.81 35.80 6.64
C LYS A 24 -15.83 34.90 7.36
N PRO A 25 -15.43 35.29 8.57
CA PRO A 25 -14.49 34.49 9.36
C PRO A 25 -15.08 33.13 9.70
N LEU A 26 -14.25 32.09 9.60
CA LEU A 26 -14.70 30.73 9.90
C LEU A 26 -14.16 30.31 11.26
N TYR A 27 -14.83 29.35 11.90
CA TYR A 27 -14.44 28.88 13.22
C TYR A 27 -14.43 27.37 13.30
N GLY A 28 -13.65 26.84 14.23
CA GLY A 28 -13.57 25.39 14.42
C GLY A 28 -13.26 24.55 13.19
N ASN A 29 -13.80 23.34 13.15
CA ASN A 29 -13.56 22.43 12.04
C ASN A 29 -14.02 23.00 10.70
N ASP A 30 -14.96 23.94 10.78
CA ASP A 30 -15.53 24.59 9.62
C ASP A 30 -14.51 25.41 8.82
N ARG A 31 -13.39 25.73 9.45
CA ARG A 31 -12.33 26.50 8.79
C ARG A 31 -11.66 25.67 7.70
N PHE A 32 -11.76 24.36 7.81
CA PHE A 32 -11.06 23.47 6.88
C PHE A 32 -11.89 22.61 5.96
N GLU A 33 -11.23 22.11 4.92
CA GLU A 33 -11.83 21.18 3.96
C GLU A 33 -10.68 20.47 3.25
N GLY A 34 -10.99 19.39 2.53
CA GLY A 34 -9.97 18.65 1.83
C GLY A 34 -10.16 17.16 2.01
N TYR A 35 -9.31 16.38 1.36
CA TYR A 35 -9.36 14.92 1.44
C TYR A 35 -9.37 14.39 2.88
N CYS A 36 -8.40 14.85 3.67
CA CYS A 36 -8.29 14.40 5.05
C CYS A 36 -9.50 14.77 5.91
N LEU A 37 -10.19 15.86 5.56
CA LEU A 37 -11.37 16.24 6.32
C LEU A 37 -12.52 15.32 5.98
N ASP A 38 -12.59 14.91 4.71
CA ASP A 38 -13.64 13.99 4.31
C ASP A 38 -13.34 12.64 4.95
N LEU A 39 -12.05 12.29 5.02
CA LEU A 39 -11.67 11.02 5.63
C LEU A 39 -12.04 11.01 7.10
N LEU A 40 -11.69 12.10 7.78
CA LEU A 40 -11.96 12.24 9.20
C LEU A 40 -13.46 12.16 9.46
N LYS A 41 -14.23 12.78 8.58
CA LYS A 41 -15.67 12.75 8.71
C LYS A 41 -16.17 11.31 8.57
N GLU A 42 -15.64 10.57 7.59
CA GLU A 42 -16.06 9.17 7.43
C GLU A 42 -15.70 8.33 8.64
N LEU A 43 -14.51 8.57 9.19
CA LEU A 43 -14.05 7.82 10.35
C LEU A 43 -14.93 8.07 11.57
N SER A 44 -15.29 9.33 11.79
CA SER A 44 -16.12 9.65 12.94
C SER A 44 -17.52 9.05 12.84
N ASN A 45 -18.03 8.93 11.62
CA ASN A 45 -19.37 8.36 11.45
C ASN A 45 -19.35 6.86 11.71
N ILE A 46 -18.27 6.20 11.32
CA ILE A 46 -18.14 4.78 11.50
C ILE A 46 -17.84 4.42 12.94
N LEU A 47 -16.88 5.10 13.55
CA LEU A 47 -16.48 4.83 14.93
C LEU A 47 -17.31 5.63 15.92
N GLY A 48 -18.03 6.62 15.41
CA GLY A 48 -18.86 7.42 16.28
C GLY A 48 -18.13 8.22 17.32
N PHE A 49 -17.35 9.20 16.89
CA PHE A 49 -16.68 10.10 17.83
C PHE A 49 -16.77 11.53 17.31
N LEU A 50 -16.80 12.48 18.23
CA LEU A 50 -16.75 13.89 17.88
C LEU A 50 -15.25 14.23 17.89
N TYR A 51 -14.88 15.34 17.25
CA TYR A 51 -13.48 15.73 17.16
C TYR A 51 -13.29 17.21 16.87
N ASP A 52 -12.13 17.73 17.31
CA ASP A 52 -11.74 19.10 17.09
C ASP A 52 -10.42 19.06 16.33
N VAL A 53 -10.39 19.67 15.16
CA VAL A 53 -9.20 19.72 14.34
C VAL A 53 -8.31 20.85 14.82
N LYS A 54 -7.02 20.57 15.01
CA LYS A 54 -6.08 21.59 15.49
C LYS A 54 -4.78 21.54 14.69
N LEU A 55 -4.42 22.65 14.05
CA LEU A 55 -3.19 22.68 13.28
C LEU A 55 -1.99 22.48 14.20
N VAL A 56 -1.03 21.67 13.78
CA VAL A 56 0.16 21.45 14.59
C VAL A 56 0.83 22.81 14.79
N PRO A 57 1.00 23.24 16.05
CA PRO A 57 1.63 24.52 16.39
C PRO A 57 2.92 24.86 15.66
N ASP A 58 3.88 23.94 15.63
CA ASP A 58 5.14 24.25 14.95
C ASP A 58 5.14 24.03 13.44
N GLY A 59 3.97 23.68 12.87
CA GLY A 59 3.88 23.47 11.43
C GLY A 59 4.79 22.39 10.86
N LYS A 60 5.12 21.38 11.65
CA LYS A 60 6.00 20.32 11.16
C LYS A 60 5.37 18.92 11.18
N TYR A 61 5.86 18.06 10.30
CA TYR A 61 5.36 16.69 10.19
C TYR A 61 5.86 15.82 11.34
N GLY A 62 7.18 15.81 11.56
CA GLY A 62 7.72 15.00 12.63
C GLY A 62 9.12 14.47 12.35
N ALA A 63 10.07 14.88 13.20
CA ALA A 63 11.47 14.45 13.10
C ALA A 63 12.11 14.66 14.48
N GLN A 64 13.36 14.25 14.65
CA GLN A 64 14.05 14.38 15.93
C GLN A 64 15.16 15.44 15.92
N ASN A 65 15.41 16.07 17.07
CA ASN A 65 16.48 17.05 17.16
C ASN A 65 17.74 16.26 17.50
N ASP A 66 18.89 16.93 17.61
CA ASP A 66 20.14 16.24 17.91
C ASP A 66 20.08 15.44 19.21
N LYS A 67 19.16 15.83 20.10
CA LYS A 67 18.98 15.15 21.40
C LYS A 67 18.09 13.91 21.24
N GLY A 68 17.37 13.84 20.13
CA GLY A 68 16.50 12.70 19.90
C GLY A 68 15.05 12.95 20.27
N GLU A 69 14.74 14.18 20.66
CA GLU A 69 13.37 14.56 21.04
C GLU A 69 12.60 14.87 19.74
N TRP A 70 11.32 14.51 19.70
CA TRP A 70 10.51 14.73 18.50
C TRP A 70 9.79 16.07 18.42
N ASN A 71 9.32 16.41 17.23
CA ASN A 71 8.55 17.63 17.00
C ASN A 71 7.39 17.31 16.06
N GLY A 72 6.69 18.35 15.59
CA GLY A 72 5.59 18.15 14.68
C GLY A 72 4.43 17.32 15.19
N MET A 73 3.61 16.82 14.27
CA MET A 73 2.46 16.02 14.63
C MET A 73 2.89 14.79 15.43
N VAL A 74 4.03 14.22 15.06
CA VAL A 74 4.52 13.04 15.78
C VAL A 74 4.61 13.36 17.28
N LYS A 75 5.23 14.49 17.61
CA LYS A 75 5.40 14.92 19.00
C LYS A 75 4.06 15.16 19.70
N GLU A 76 3.09 15.73 19.00
CA GLU A 76 1.77 15.97 19.60
C GLU A 76 1.16 14.66 20.09
N LEU A 77 1.33 13.60 19.30
CA LEU A 77 0.79 12.30 19.66
C LEU A 77 1.59 11.73 20.83
N ILE A 78 2.91 11.77 20.74
CA ILE A 78 3.77 11.24 21.80
C ILE A 78 3.45 11.86 23.16
N ASP A 79 3.18 13.16 23.18
CA ASP A 79 2.89 13.85 24.44
C ASP A 79 1.43 13.81 24.84
N HIS A 80 0.63 13.13 24.04
CA HIS A 80 -0.79 13.00 24.29
C HIS A 80 -1.54 14.34 24.22
N ARG A 81 -1.07 15.25 23.38
CA ARG A 81 -1.75 16.52 23.20
C ARG A 81 -2.73 16.38 22.04
N ALA A 82 -2.64 15.24 21.35
CA ALA A 82 -3.54 14.93 20.25
C ALA A 82 -3.87 13.44 20.29
N ASP A 83 -5.09 13.09 19.92
CA ASP A 83 -5.52 11.69 19.93
C ASP A 83 -5.22 11.05 18.57
N LEU A 84 -5.43 11.82 17.50
CA LEU A 84 -5.19 11.33 16.15
C LEU A 84 -4.43 12.37 15.35
N ALA A 85 -3.74 11.91 14.31
CA ALA A 85 -3.03 12.79 13.40
C ALA A 85 -3.56 12.39 12.02
N VAL A 86 -4.31 13.28 11.37
CA VAL A 86 -4.87 12.98 10.05
C VAL A 86 -4.30 13.97 9.05
N ALA A 87 -3.38 13.48 8.24
CA ALA A 87 -2.70 14.33 7.27
C ALA A 87 -1.87 13.47 6.33
N PRO A 88 -1.13 14.12 5.41
CA PRO A 88 -0.31 13.30 4.52
C PRO A 88 0.98 13.00 5.29
N LEU A 89 0.84 12.18 6.33
CA LEU A 89 1.94 11.79 7.22
C LEU A 89 2.44 10.41 6.83
N THR A 90 3.66 10.35 6.31
CA THR A 90 4.23 9.10 5.85
C THR A 90 4.59 8.08 6.95
N ILE A 91 4.15 6.85 6.74
CA ILE A 91 4.43 5.75 7.64
C ILE A 91 5.87 5.34 7.39
N THR A 92 6.76 5.71 8.30
CA THR A 92 8.15 5.34 8.15
C THR A 92 8.58 4.50 9.32
N TYR A 93 9.71 3.86 9.12
CA TYR A 93 10.33 3.00 10.10
C TYR A 93 10.60 3.73 11.42
N VAL A 94 11.29 4.87 11.37
CA VAL A 94 11.59 5.63 12.58
C VAL A 94 10.35 6.15 13.29
N ARG A 95 9.34 6.57 12.54
CA ARG A 95 8.14 7.08 13.17
C ARG A 95 7.27 5.98 13.76
N GLU A 96 7.20 4.84 13.09
CA GLU A 96 6.38 3.74 13.58
C GLU A 96 6.87 3.23 14.94
N LYS A 97 8.12 3.53 15.27
CA LYS A 97 8.68 3.10 16.54
C LYS A 97 8.13 3.90 17.71
N VAL A 98 7.81 5.17 17.46
CA VAL A 98 7.33 6.05 18.53
C VAL A 98 5.83 6.36 18.60
N ILE A 99 5.07 5.95 17.58
CA ILE A 99 3.62 6.14 17.58
C ILE A 99 2.97 4.93 16.88
N ASP A 100 1.66 4.78 17.03
CA ASP A 100 0.97 3.67 16.40
C ASP A 100 0.22 4.14 15.17
N PHE A 101 0.70 3.75 13.99
CA PHE A 101 0.05 4.14 12.75
C PHE A 101 -1.04 3.17 12.40
N SER A 102 -2.12 3.68 11.81
CA SER A 102 -3.20 2.85 11.35
C SER A 102 -2.62 2.32 10.04
N LYS A 103 -3.38 1.48 9.35
CA LYS A 103 -2.90 0.99 8.07
C LYS A 103 -3.13 2.10 7.06
N PRO A 104 -2.37 2.10 5.95
CA PRO A 104 -2.42 3.08 4.87
C PRO A 104 -3.79 3.37 4.31
N PHE A 105 -4.15 4.66 4.18
CA PHE A 105 -5.43 4.99 3.57
C PHE A 105 -5.10 5.44 2.15
N MET A 106 -3.80 5.53 1.86
CA MET A 106 -3.33 5.95 0.55
C MET A 106 -1.91 5.43 0.34
N THR A 107 -1.69 4.76 -0.79
CA THR A 107 -0.37 4.22 -1.10
C THR A 107 0.29 5.09 -2.16
N LEU A 108 1.60 5.27 -2.00
CA LEU A 108 2.35 6.11 -2.93
C LEU A 108 3.84 5.80 -2.88
N GLY A 109 4.62 6.73 -3.43
CA GLY A 109 6.06 6.59 -3.44
C GLY A 109 6.75 7.85 -3.92
N ILE A 110 8.06 7.93 -3.71
CA ILE A 110 8.80 9.10 -4.14
C ILE A 110 8.98 9.11 -5.64
N SER A 111 8.90 10.28 -6.24
CA SER A 111 9.11 10.40 -7.68
C SER A 111 9.70 11.77 -7.98
N ILE A 112 9.85 12.09 -9.26
CA ILE A 112 10.45 13.35 -9.69
C ILE A 112 9.50 14.32 -10.41
N LEU A 113 9.47 15.57 -9.95
CA LEU A 113 8.65 16.60 -10.57
C LEU A 113 9.62 17.45 -11.40
N TYR A 114 9.36 17.56 -12.70
CA TYR A 114 10.24 18.31 -13.60
C TYR A 114 9.44 18.86 -14.78
N ARG A 115 10.11 19.51 -15.73
CA ARG A 115 9.43 20.05 -16.91
C ARG A 115 9.20 19.01 -18.00
N LYS A 116 8.18 19.24 -18.83
CA LYS A 116 7.86 18.34 -19.94
C LYS A 116 8.89 18.50 -21.05
N GLY A 117 8.74 17.71 -22.10
CA GLY A 117 9.63 17.80 -23.25
C GLY A 117 11.08 17.87 -22.88
N THR A 118 11.52 16.89 -22.12
CA THR A 118 12.90 16.83 -21.69
C THR A 118 13.36 15.40 -21.89
N PRO A 119 14.68 15.19 -21.90
CA PRO A 119 15.32 13.90 -22.08
C PRO A 119 15.68 13.21 -20.76
N ILE A 120 15.40 13.87 -19.64
CA ILE A 120 15.68 13.28 -18.36
C ILE A 120 14.56 12.26 -18.18
N ASP A 121 14.92 11.02 -17.85
CA ASP A 121 13.90 10.00 -17.73
C ASP A 121 14.00 9.16 -16.47
N SER A 122 14.95 9.50 -15.60
CA SER A 122 15.07 8.75 -14.36
C SER A 122 15.97 9.44 -13.34
N ALA A 123 15.97 8.91 -12.13
CA ALA A 123 16.79 9.46 -11.07
C ALA A 123 18.25 9.33 -11.47
N ASP A 124 18.59 8.20 -12.09
CA ASP A 124 19.97 7.95 -12.53
C ASP A 124 20.45 9.09 -13.43
N ASP A 125 19.57 9.58 -14.28
CA ASP A 125 19.93 10.68 -15.19
C ASP A 125 20.29 11.93 -14.40
N LEU A 126 19.52 12.21 -13.35
CA LEU A 126 19.78 13.38 -12.51
C LEU A 126 21.07 13.21 -11.72
N ALA A 127 21.30 12.02 -11.21
CA ALA A 127 22.46 11.75 -10.38
C ALA A 127 23.78 11.78 -11.15
N LYS A 128 23.69 11.49 -12.44
CA LYS A 128 24.87 11.40 -13.27
C LYS A 128 25.21 12.64 -14.09
N GLN A 129 24.61 13.76 -13.70
CA GLN A 129 24.95 15.04 -14.29
C GLN A 129 25.01 16.08 -13.17
N THR A 130 25.20 17.33 -13.56
CA THR A 130 25.32 18.41 -12.58
C THR A 130 24.70 19.74 -12.99
N LYS A 131 24.35 19.89 -14.26
CA LYS A 131 23.75 21.14 -14.73
C LYS A 131 22.36 21.39 -14.16
N ILE A 132 21.53 20.35 -14.16
CA ILE A 132 20.17 20.49 -13.63
C ILE A 132 20.19 20.25 -12.12
N GLU A 133 19.71 21.22 -11.36
CA GLU A 133 19.67 21.07 -9.91
C GLU A 133 18.47 20.24 -9.48
N TYR A 134 18.55 19.67 -8.28
CA TYR A 134 17.45 18.85 -7.77
C TYR A 134 17.53 18.74 -6.26
N GLY A 135 16.37 18.55 -5.63
CA GLY A 135 16.31 18.42 -4.19
C GLY A 135 14.94 17.97 -3.69
N ALA A 136 14.66 18.25 -2.42
CA ALA A 136 13.39 17.88 -1.82
C ALA A 136 13.03 18.85 -0.70
N VAL A 137 11.87 18.63 -0.10
CA VAL A 137 11.42 19.46 1.00
C VAL A 137 12.18 19.09 2.25
N ARG A 138 12.79 20.08 2.90
CA ARG A 138 13.58 19.85 4.10
C ARG A 138 12.80 19.17 5.23
N ASP A 139 13.45 18.23 5.91
CA ASP A 139 12.90 17.49 7.05
C ASP A 139 11.63 16.67 6.80
N GLY A 140 11.32 16.39 5.54
CA GLY A 140 10.15 15.58 5.24
C GLY A 140 10.65 14.15 5.11
N SER A 141 9.74 13.21 4.92
CA SER A 141 10.13 11.81 4.80
C SER A 141 10.90 11.53 3.51
N THR A 142 10.79 12.42 2.52
CA THR A 142 11.48 12.24 1.24
C THR A 142 12.96 12.54 1.42
N MET A 143 13.27 13.68 2.06
CA MET A 143 14.65 14.06 2.31
C MET A 143 15.31 13.03 3.23
N THR A 144 14.55 12.56 4.22
CA THR A 144 15.06 11.59 5.16
C THR A 144 15.40 10.28 4.44
N PHE A 145 14.65 9.96 3.41
CA PHE A 145 14.90 8.74 2.63
C PHE A 145 16.29 8.82 2.00
N PHE A 146 16.58 9.95 1.37
CA PHE A 146 17.88 10.15 0.73
C PHE A 146 19.00 10.24 1.77
N LYS A 147 18.75 10.95 2.85
CA LYS A 147 19.73 11.10 3.91
C LYS A 147 20.20 9.77 4.49
N LYS A 148 19.26 8.86 4.74
CA LYS A 148 19.60 7.56 5.34
C LYS A 148 19.82 6.39 4.38
N SER A 149 19.60 6.62 3.08
CA SER A 149 19.75 5.57 2.08
C SER A 149 21.18 5.04 1.91
N LYS A 150 21.31 3.78 1.50
CA LYS A 150 22.62 3.15 1.29
C LYS A 150 22.78 2.79 -0.19
N ILE A 151 21.72 2.94 -0.97
CA ILE A 151 21.78 2.64 -2.40
C ILE A 151 22.70 3.68 -3.03
N SER A 152 23.76 3.23 -3.70
CA SER A 152 24.73 4.14 -4.31
C SER A 152 24.16 5.34 -5.05
N THR A 153 23.19 5.12 -5.93
CA THR A 153 22.62 6.22 -6.69
C THR A 153 22.00 7.27 -5.77
N TYR A 154 21.28 6.83 -4.74
CA TYR A 154 20.65 7.75 -3.83
C TYR A 154 21.62 8.39 -2.85
N GLU A 155 22.75 7.72 -2.60
CA GLU A 155 23.76 8.28 -1.69
C GLU A 155 24.40 9.47 -2.38
N LYS A 156 24.57 9.36 -3.71
CA LYS A 156 25.18 10.42 -4.50
C LYS A 156 24.24 11.62 -4.52
N MET A 157 22.98 11.38 -4.91
CA MET A 157 22.00 12.44 -4.96
C MET A 157 21.92 13.17 -3.62
N TRP A 158 22.05 12.44 -2.52
CA TRP A 158 22.00 13.08 -1.21
C TRP A 158 23.19 14.02 -1.07
N ALA A 159 24.36 13.53 -1.45
CA ALA A 159 25.57 14.33 -1.36
C ALA A 159 25.33 15.67 -2.05
N PHE A 160 24.72 15.63 -3.23
CA PHE A 160 24.44 16.85 -3.98
C PHE A 160 23.42 17.74 -3.27
N MET A 161 22.42 17.14 -2.64
CA MET A 161 21.39 17.88 -1.94
C MET A 161 21.85 18.62 -0.69
N SER A 162 22.61 17.93 0.15
CA SER A 162 23.10 18.53 1.39
C SER A 162 24.33 19.43 1.23
N SER A 163 24.82 19.54 -0.01
CA SER A 163 25.99 20.36 -0.27
C SER A 163 25.63 21.84 -0.36
N ARG A 164 26.58 22.72 -0.06
CA ARG A 164 26.34 24.16 -0.11
C ARG A 164 25.22 24.54 0.83
N GLN A 165 25.31 24.04 2.07
CA GLN A 165 24.32 24.29 3.11
C GLN A 165 22.90 23.93 2.69
N GLN A 166 22.77 22.83 1.96
CA GLN A 166 21.47 22.35 1.51
C GLN A 166 20.70 23.39 0.71
N SER A 167 21.39 24.09 -0.19
CA SER A 167 20.73 25.10 -1.00
C SER A 167 19.79 24.48 -2.03
N ALA A 168 19.94 23.19 -2.29
CA ALA A 168 19.09 22.50 -3.26
C ALA A 168 17.76 22.11 -2.64
N LEU A 169 17.63 22.25 -1.33
CA LEU A 169 16.39 21.89 -0.64
C LEU A 169 15.43 23.08 -0.53
N VAL A 170 14.14 22.79 -0.43
CA VAL A 170 13.14 23.84 -0.28
C VAL A 170 12.42 23.67 1.05
N LYS A 171 11.75 24.73 1.47
CA LYS A 171 11.04 24.74 2.73
C LYS A 171 9.69 24.04 2.71
N ASN A 172 9.03 24.08 1.56
CA ASN A 172 7.73 23.40 1.40
C ASN A 172 7.44 23.07 -0.06
N SER A 173 6.35 22.33 -0.28
CA SER A 173 5.99 21.92 -1.62
C SER A 173 5.71 23.10 -2.55
N ASP A 174 5.05 24.14 -2.04
CA ASP A 174 4.74 25.29 -2.89
C ASP A 174 6.00 25.96 -3.43
N GLU A 175 7.02 26.07 -2.59
CA GLU A 175 8.27 26.68 -2.99
C GLU A 175 9.00 25.74 -3.95
N GLY A 176 8.96 24.45 -3.68
CA GLY A 176 9.61 23.49 -4.55
C GLY A 176 9.01 23.53 -5.94
N ILE A 177 7.69 23.64 -6.01
CA ILE A 177 6.97 23.70 -7.29
C ILE A 177 7.33 24.96 -8.08
N GLN A 178 7.37 26.10 -7.40
CA GLN A 178 7.71 27.34 -8.09
C GLN A 178 9.15 27.32 -8.60
N ARG A 179 10.04 26.69 -7.83
CA ARG A 179 11.44 26.62 -8.24
C ARG A 179 11.54 25.78 -9.51
N VAL A 180 10.74 24.72 -9.59
CA VAL A 180 10.74 23.85 -10.75
C VAL A 180 10.21 24.63 -11.94
N LEU A 181 9.16 25.39 -11.71
CA LEU A 181 8.53 26.19 -12.76
C LEU A 181 9.38 27.33 -13.31
N THR A 182 10.17 27.95 -12.43
CA THR A 182 10.98 29.09 -12.83
C THR A 182 12.43 28.82 -13.21
N THR A 183 13.04 27.80 -12.60
CA THR A 183 14.43 27.50 -12.88
C THR A 183 14.59 26.07 -13.41
N ASP A 184 15.82 25.69 -13.68
CA ASP A 184 16.13 24.35 -14.16
C ASP A 184 16.37 23.49 -12.91
N TYR A 185 15.28 23.19 -12.22
CA TYR A 185 15.30 22.43 -10.98
C TYR A 185 14.33 21.26 -11.01
N ALA A 186 14.76 20.11 -10.48
CA ALA A 186 13.90 18.94 -10.42
C ALA A 186 13.56 18.72 -8.95
N LEU A 187 12.29 18.42 -8.66
CA LEU A 187 11.87 18.20 -7.29
C LEU A 187 11.52 16.76 -6.92
N LEU A 188 12.24 16.19 -5.94
CA LEU A 188 11.97 14.84 -5.48
C LEU A 188 10.81 15.03 -4.50
N MET A 189 9.68 14.43 -4.83
CA MET A 189 8.48 14.58 -4.02
C MET A 189 7.59 13.34 -4.12
N GLU A 190 6.70 13.16 -3.14
CA GLU A 190 5.82 12.00 -3.16
C GLU A 190 4.85 12.05 -4.34
N SER A 191 4.74 10.90 -5.02
CA SER A 191 3.89 10.74 -6.20
C SER A 191 2.50 11.33 -6.09
N THR A 192 1.87 11.19 -4.93
CA THR A 192 0.53 11.74 -4.74
C THR A 192 0.48 13.25 -5.01
N SER A 193 1.39 13.99 -4.41
CA SER A 193 1.43 15.44 -4.58
C SER A 193 1.86 15.80 -6.00
N ILE A 194 2.73 15.00 -6.60
CA ILE A 194 3.17 15.27 -7.96
C ILE A 194 1.97 15.16 -8.91
N GLU A 195 1.13 14.16 -8.64
CA GLU A 195 -0.06 13.91 -9.46
C GLU A 195 -1.01 15.10 -9.40
N TYR A 196 -1.14 15.68 -8.21
CA TYR A 196 -2.01 16.83 -8.02
C TYR A 196 -1.53 18.00 -8.89
N VAL A 197 -0.21 18.18 -8.94
CA VAL A 197 0.39 19.25 -9.74
C VAL A 197 0.27 19.01 -11.24
N THR A 198 0.76 17.87 -11.70
CA THR A 198 0.73 17.55 -13.13
C THR A 198 -0.64 17.64 -13.76
N GLN A 199 -1.69 17.37 -12.99
CA GLN A 199 -3.04 17.46 -13.51
C GLN A 199 -3.49 18.88 -13.69
N ARG A 200 -2.86 19.78 -12.96
CA ARG A 200 -3.24 21.18 -13.04
C ARG A 200 -2.26 22.03 -13.80
N ASN A 201 -1.06 21.52 -14.02
CA ASN A 201 -0.05 22.27 -14.75
C ASN A 201 0.58 21.41 -15.82
N CYS A 202 0.09 21.57 -17.05
CA CYS A 202 0.57 20.80 -18.18
C CYS A 202 2.03 21.02 -18.56
N ASN A 203 2.64 22.05 -17.98
CA ASN A 203 4.04 22.35 -18.25
C ASN A 203 4.96 21.41 -17.48
N LEU A 204 4.41 20.70 -16.50
CA LEU A 204 5.22 19.79 -15.70
C LEU A 204 4.77 18.36 -15.86
N THR A 205 5.63 17.44 -15.43
CA THR A 205 5.31 16.02 -15.51
C THR A 205 6.10 15.25 -14.48
N GLN A 206 5.80 13.97 -14.34
CA GLN A 206 6.53 13.12 -13.42
C GLN A 206 7.61 12.43 -14.23
N ILE A 207 8.81 12.33 -13.67
CA ILE A 207 9.91 11.67 -14.37
C ILE A 207 10.15 10.30 -13.76
N GLY A 208 10.22 9.28 -14.62
CA GLY A 208 10.44 7.94 -14.12
C GLY A 208 9.21 7.49 -13.37
N GLY A 209 9.38 6.48 -12.52
CA GLY A 209 8.25 5.99 -11.77
C GLY A 209 8.47 6.26 -10.30
N LEU A 210 7.99 5.36 -9.46
CA LEU A 210 8.16 5.51 -8.03
C LEU A 210 9.45 4.83 -7.67
N ILE A 211 10.30 5.49 -6.89
CA ILE A 211 11.55 4.88 -6.51
C ILE A 211 11.38 4.05 -5.26
N ASP A 212 10.22 4.14 -4.62
CA ASP A 212 9.96 3.36 -3.42
C ASP A 212 8.46 3.20 -3.22
N SER A 213 8.08 2.49 -2.16
CA SER A 213 6.66 2.30 -1.86
C SER A 213 6.44 2.57 -0.37
N LYS A 214 5.41 3.36 -0.08
CA LYS A 214 5.09 3.72 1.30
C LYS A 214 3.64 4.21 1.34
N GLY A 215 3.15 4.47 2.54
CA GLY A 215 1.79 4.94 2.66
C GLY A 215 1.56 5.98 3.71
N TYR A 216 0.39 6.61 3.66
CA TYR A 216 0.01 7.60 4.64
C TYR A 216 -0.93 6.85 5.56
N GLY A 217 -0.81 7.07 6.86
CA GLY A 217 -1.69 6.39 7.79
C GLY A 217 -2.10 7.37 8.86
N VAL A 218 -3.18 7.07 9.57
CA VAL A 218 -3.62 7.96 10.63
C VAL A 218 -2.75 7.65 11.83
N GLY A 219 -2.16 8.67 12.43
CA GLY A 219 -1.33 8.44 13.60
C GLY A 219 -2.08 8.51 14.92
N THR A 220 -1.66 7.67 15.86
CA THR A 220 -2.25 7.69 17.20
C THR A 220 -1.11 7.42 18.18
N PRO A 221 -1.28 7.78 19.46
CA PRO A 221 -0.21 7.55 20.42
C PRO A 221 0.00 6.05 20.62
N ILE A 222 1.23 5.64 20.87
CA ILE A 222 1.50 4.23 21.12
C ILE A 222 0.55 3.72 22.19
N GLY A 223 -0.04 2.56 21.94
CA GLY A 223 -0.98 1.98 22.90
C GLY A 223 -2.40 2.42 22.68
N SER A 224 -2.61 3.35 21.76
CA SER A 224 -3.96 3.85 21.51
C SER A 224 -4.99 2.78 21.17
N PRO A 225 -6.18 2.87 21.78
CA PRO A 225 -7.21 1.88 21.48
C PRO A 225 -7.94 2.22 20.17
N TYR A 226 -7.69 3.41 19.62
CA TYR A 226 -8.33 3.81 18.36
C TYR A 226 -7.59 3.32 17.13
N ARG A 227 -6.30 3.04 17.26
CA ARG A 227 -5.50 2.59 16.13
C ARG A 227 -6.12 1.47 15.30
N ASP A 228 -6.43 0.34 15.94
CA ASP A 228 -7.00 -0.78 15.20
C ASP A 228 -8.42 -0.51 14.71
N LYS A 229 -9.20 0.23 15.48
CA LYS A 229 -10.57 0.55 15.08
C LYS A 229 -10.52 1.40 13.82
N ILE A 230 -9.53 2.28 13.74
CA ILE A 230 -9.37 3.14 12.59
C ILE A 230 -8.84 2.32 11.42
N THR A 231 -7.91 1.41 11.71
CA THR A 231 -7.39 0.56 10.65
C THR A 231 -8.56 -0.20 10.02
N ILE A 232 -9.46 -0.71 10.86
CA ILE A 232 -10.60 -1.46 10.37
C ILE A 232 -11.58 -0.60 9.57
N ALA A 233 -11.78 0.64 9.98
CA ALA A 233 -12.68 1.50 9.23
C ALA A 233 -12.02 1.89 7.90
N ILE A 234 -10.71 2.06 7.90
CA ILE A 234 -10.02 2.41 6.66
C ILE A 234 -10.18 1.28 5.64
N LEU A 235 -9.98 0.04 6.10
CA LEU A 235 -10.13 -1.11 5.21
C LEU A 235 -11.54 -1.18 4.65
N GLN A 236 -12.53 -0.84 5.47
CA GLN A 236 -13.91 -0.87 5.03
C GLN A 236 -14.14 0.19 3.97
N LEU A 237 -13.62 1.39 4.22
CA LEU A 237 -13.78 2.49 3.27
C LEU A 237 -13.10 2.14 1.93
N GLN A 238 -11.94 1.50 1.98
CA GLN A 238 -11.25 1.14 0.75
C GLN A 238 -12.05 0.11 -0.03
N GLU A 239 -12.55 -0.91 0.68
CA GLU A 239 -13.31 -1.97 0.04
C GLU A 239 -14.63 -1.50 -0.59
N GLU A 240 -15.24 -0.47 -0.02
CA GLU A 240 -16.49 0.05 -0.56
C GLU A 240 -16.24 1.05 -1.69
N GLY A 241 -14.98 1.34 -1.96
CA GLY A 241 -14.65 2.27 -3.03
C GLY A 241 -14.68 3.74 -2.62
N LYS A 242 -14.95 3.99 -1.33
CA LYS A 242 -15.02 5.36 -0.85
C LYS A 242 -13.71 6.12 -0.89
N LEU A 243 -12.61 5.45 -0.54
CA LEU A 243 -11.31 6.11 -0.55
C LEU A 243 -10.99 6.53 -1.99
N HIS A 244 -11.37 5.67 -2.93
CA HIS A 244 -11.14 5.95 -4.34
C HIS A 244 -11.95 7.19 -4.76
N MET A 245 -13.24 7.22 -4.40
CA MET A 245 -14.09 8.36 -4.74
C MET A 245 -13.51 9.65 -4.14
N MET A 246 -13.12 9.58 -2.87
CA MET A 246 -12.56 10.75 -2.20
C MET A 246 -11.33 11.25 -2.94
N LYS A 247 -10.45 10.35 -3.37
CA LYS A 247 -9.27 10.78 -4.10
C LYS A 247 -9.67 11.48 -5.40
N GLU A 248 -10.57 10.87 -6.17
CA GLU A 248 -11.01 11.46 -7.43
C GLU A 248 -11.65 12.83 -7.23
N LYS A 249 -12.38 12.98 -6.13
CA LYS A 249 -13.03 14.24 -5.82
C LYS A 249 -12.04 15.37 -5.59
N TRP A 250 -10.91 15.09 -4.94
CA TRP A 250 -9.93 16.14 -4.66
C TRP A 250 -8.77 16.31 -5.63
N TRP A 251 -8.46 15.27 -6.41
CA TRP A 251 -7.36 15.38 -7.36
C TRP A 251 -7.87 15.83 -8.73
N ARG A 252 -9.18 15.75 -8.91
CA ARG A 252 -9.86 16.16 -10.15
C ARG A 252 -9.25 17.38 -10.85
N GLY A 253 -8.83 17.19 -12.10
CA GLY A 253 -8.26 18.28 -12.87
C GLY A 253 -8.65 18.07 -14.32
N ASN A 254 -8.46 19.08 -15.16
CA ASN A 254 -8.81 18.93 -16.57
C ASN A 254 -7.92 17.87 -17.20
N GLY A 255 -6.68 17.79 -16.73
CA GLY A 255 -5.75 16.83 -17.27
C GLY A 255 -4.86 17.49 -18.29
N CYS A 256 -4.04 16.70 -18.99
CA CYS A 256 -3.14 17.26 -19.98
C CYS A 256 -2.94 16.34 -21.17
N PRO A 257 -2.61 16.92 -22.32
CA PRO A 257 -2.34 16.14 -23.53
C PRO A 257 -1.04 15.36 -23.42
N GLU A 258 -0.85 14.30 -24.02
N ARG B 4 12.82 -20.96 21.87
CA ARG B 4 11.47 -20.55 21.36
C ARG B 4 11.41 -20.62 19.84
N THR B 5 10.66 -21.57 19.32
CA THR B 5 10.53 -21.71 17.87
C THR B 5 9.10 -21.39 17.44
N LEU B 6 8.94 -20.35 16.64
CA LEU B 6 7.62 -19.95 16.17
C LEU B 6 7.08 -20.90 15.11
N ILE B 7 5.76 -21.10 15.14
CA ILE B 7 5.13 -21.95 14.14
C ILE B 7 4.52 -21.01 13.10
N VAL B 8 4.92 -21.19 11.85
CA VAL B 8 4.41 -20.35 10.77
C VAL B 8 3.54 -21.11 9.79
N THR B 9 2.26 -20.77 9.75
CA THR B 9 1.34 -21.44 8.85
C THR B 9 1.42 -20.75 7.50
N THR B 10 1.41 -21.54 6.43
CA THR B 10 1.49 -20.98 5.09
C THR B 10 0.74 -21.89 4.12
N ILE B 11 0.82 -21.59 2.83
CA ILE B 11 0.14 -22.38 1.81
C ILE B 11 0.94 -22.32 0.52
N LEU B 12 0.94 -23.40 -0.25
CA LEU B 12 1.69 -23.43 -1.51
C LEU B 12 1.03 -22.55 -2.58
N GLU B 13 1.82 -21.67 -3.17
CA GLU B 13 1.35 -20.77 -4.21
C GLU B 13 2.55 -20.13 -4.87
N GLU B 14 2.73 -20.34 -6.18
CA GLU B 14 3.87 -19.77 -6.89
C GLU B 14 3.74 -18.27 -7.08
N PRO B 15 4.82 -17.51 -6.85
CA PRO B 15 6.15 -17.98 -6.42
C PRO B 15 6.41 -17.69 -4.95
N TYR B 16 5.34 -17.60 -4.15
CA TYR B 16 5.44 -17.30 -2.73
C TYR B 16 5.97 -18.45 -1.88
N VAL B 17 5.39 -19.63 -2.06
CA VAL B 17 5.77 -20.84 -1.32
C VAL B 17 5.74 -22.04 -2.28
N MET B 18 6.91 -22.61 -2.54
CA MET B 18 7.00 -23.75 -3.45
C MET B 18 7.93 -24.82 -2.91
N TYR B 19 7.69 -26.07 -3.29
CA TYR B 19 8.56 -27.15 -2.88
C TYR B 19 9.84 -27.00 -3.65
N ARG B 20 10.96 -27.24 -2.97
CA ARG B 20 12.25 -27.19 -3.63
C ARG B 20 12.34 -28.43 -4.50
N LYS B 21 13.24 -28.38 -5.47
CA LYS B 21 13.45 -29.52 -6.36
C LYS B 21 14.71 -30.23 -5.92
N SER B 22 14.56 -31.51 -5.59
CA SER B 22 15.70 -32.32 -5.15
C SER B 22 15.43 -33.76 -5.56
N ASP B 23 16.48 -34.56 -5.65
CA ASP B 23 16.31 -35.96 -6.01
C ASP B 23 16.11 -36.78 -4.74
N LYS B 24 16.45 -36.17 -3.61
CA LYS B 24 16.30 -36.80 -2.31
C LYS B 24 15.12 -36.13 -1.60
N PRO B 25 14.50 -36.83 -0.65
CA PRO B 25 13.38 -36.25 0.09
C PRO B 25 13.92 -35.06 0.86
N LEU B 26 13.11 -34.03 1.07
CA LEU B 26 13.54 -32.86 1.82
C LEU B 26 12.80 -32.88 3.15
N TYR B 27 13.39 -32.25 4.17
CA TYR B 27 12.77 -32.22 5.48
C TYR B 27 12.68 -30.80 6.05
N GLY B 28 11.73 -30.59 6.95
CA GLY B 28 11.57 -29.29 7.58
C GLY B 28 11.43 -28.09 6.64
N ASN B 29 12.03 -26.97 7.02
CA ASN B 29 11.95 -25.75 6.22
C ASN B 29 12.62 -25.89 4.87
N ASP B 30 13.54 -26.84 4.79
CA ASP B 30 14.29 -27.10 3.57
C ASP B 30 13.39 -27.59 2.43
N ARG B 31 12.17 -27.98 2.75
CA ARG B 31 11.21 -28.44 1.75
C ARG B 31 10.65 -27.27 0.94
N PHE B 32 10.84 -26.05 1.43
CA PHE B 32 10.27 -24.88 0.77
C PHE B 32 11.23 -23.81 0.26
N GLU B 33 10.75 -23.06 -0.73
CA GLU B 33 11.53 -21.97 -1.31
C GLU B 33 10.53 -20.97 -1.89
N GLY B 34 10.97 -19.74 -2.08
CA GLY B 34 10.09 -18.73 -2.62
C GLY B 34 10.16 -17.38 -1.94
N TYR B 35 9.44 -16.41 -2.48
CA TYR B 35 9.42 -15.07 -1.95
C TYR B 35 9.12 -15.01 -0.45
N CYS B 36 8.09 -15.74 -0.02
CA CYS B 36 7.70 -15.72 1.38
C CYS B 36 8.73 -16.35 2.30
N LEU B 37 9.51 -17.29 1.78
CA LEU B 37 10.54 -17.89 2.61
C LEU B 37 11.72 -16.95 2.77
N ASP B 38 12.06 -16.20 1.71
CA ASP B 38 13.15 -15.23 1.80
C ASP B 38 12.76 -14.12 2.77
N LEU B 39 11.48 -13.73 2.73
CA LEU B 39 10.98 -12.68 3.62
C LEU B 39 11.07 -13.18 5.06
N LEU B 40 10.61 -14.41 5.26
CA LEU B 40 10.63 -15.02 6.58
C LEU B 40 12.05 -15.03 7.12
N LYS B 41 13.03 -15.30 6.26
CA LYS B 41 14.41 -15.34 6.70
C LYS B 41 14.89 -13.96 7.12
N GLU B 42 14.57 -12.95 6.31
CA GLU B 42 14.95 -11.58 6.62
C GLU B 42 14.34 -11.17 7.95
N LEU B 43 13.08 -11.54 8.16
CA LEU B 43 12.39 -11.20 9.38
C LEU B 43 12.98 -11.89 10.60
N SER B 44 13.29 -13.18 10.47
CA SER B 44 13.86 -13.90 11.60
C SER B 44 15.24 -13.34 11.90
N ASN B 45 15.87 -12.76 10.91
CA ASN B 45 17.18 -12.20 11.16
C ASN B 45 17.15 -10.87 11.87
N ILE B 46 16.16 -10.05 11.55
CA ILE B 46 16.06 -8.76 12.21
C ILE B 46 15.55 -8.94 13.64
N LEU B 47 14.56 -9.80 13.80
CA LEU B 47 13.96 -10.02 15.11
C LEU B 47 14.62 -11.10 15.93
N GLY B 48 15.45 -11.91 15.28
CA GLY B 48 16.16 -12.97 15.96
C GLY B 48 15.28 -14.04 16.56
N PHE B 49 14.47 -14.70 15.73
CA PHE B 49 13.62 -15.76 16.21
C PHE B 49 13.81 -16.99 15.33
N LEU B 50 13.46 -18.16 15.85
CA LEU B 50 13.56 -19.42 15.10
C LEU B 50 12.15 -19.75 14.64
N TYR B 51 12.03 -20.58 13.60
CA TYR B 51 10.69 -20.90 13.11
C TYR B 51 10.60 -22.21 12.34
N ASP B 52 9.39 -22.77 12.35
CA ASP B 52 9.10 -24.01 11.63
C ASP B 52 7.92 -23.74 10.70
N VAL B 53 8.12 -23.93 9.40
CA VAL B 53 7.08 -23.71 8.42
C VAL B 53 6.17 -24.94 8.33
N LYS B 54 4.86 -24.70 8.43
CA LYS B 54 3.88 -25.77 8.36
C LYS B 54 2.71 -25.39 7.46
N LEU B 55 2.47 -26.20 6.44
CA LEU B 55 1.36 -25.94 5.52
C LEU B 55 0.04 -26.02 6.26
N VAL B 56 -0.88 -25.12 5.95
CA VAL B 56 -2.18 -25.12 6.59
C VAL B 56 -2.90 -26.41 6.17
N PRO B 57 -3.34 -27.21 7.16
CA PRO B 57 -4.03 -28.49 6.94
C PRO B 57 -5.12 -28.51 5.87
N ASP B 58 -6.10 -27.61 5.95
CA ASP B 58 -7.18 -27.59 4.96
C ASP B 58 -6.85 -26.88 3.66
N GLY B 59 -5.60 -26.47 3.47
CA GLY B 59 -5.21 -25.81 2.25
C GLY B 59 -5.99 -24.56 1.87
N LYS B 60 -6.45 -23.80 2.87
CA LYS B 60 -7.24 -22.61 2.59
C LYS B 60 -6.62 -21.34 3.17
N TYR B 61 -7.03 -20.18 2.65
CA TYR B 61 -6.50 -18.90 3.10
C TYR B 61 -7.21 -18.43 4.36
N GLY B 62 -8.54 -18.34 4.28
CA GLY B 62 -9.32 -17.98 5.44
C GLY B 62 -10.64 -17.29 5.14
N ALA B 63 -11.76 -17.97 5.38
CA ALA B 63 -13.06 -17.37 5.14
C ALA B 63 -14.08 -17.86 6.15
N GLN B 64 -15.20 -17.14 6.23
CA GLN B 64 -16.28 -17.53 7.14
C GLN B 64 -17.34 -18.34 6.40
N ASN B 65 -18.03 -19.22 7.13
CA ASN B 65 -19.15 -19.96 6.57
C ASN B 65 -20.39 -19.24 7.09
N ASP B 66 -21.57 -19.80 6.88
CA ASP B 66 -22.81 -19.19 7.34
C ASP B 66 -22.94 -19.22 8.88
N LYS B 67 -22.25 -20.15 9.51
CA LYS B 67 -22.28 -20.27 10.96
C LYS B 67 -21.26 -19.31 11.59
N GLY B 68 -20.61 -18.53 10.74
CA GLY B 68 -19.62 -17.57 11.23
C GLY B 68 -18.29 -18.17 11.66
N GLU B 69 -18.06 -19.43 11.30
CA GLU B 69 -16.81 -20.11 11.66
C GLU B 69 -15.73 -19.93 10.60
N TRP B 70 -14.51 -19.71 11.05
CA TRP B 70 -13.40 -19.51 10.13
C TRP B 70 -12.64 -20.79 9.80
N ASN B 71 -11.91 -20.76 8.69
CA ASN B 71 -11.09 -21.91 8.28
C ASN B 71 -9.77 -21.38 7.74
N GLY B 72 -8.96 -22.26 7.17
CA GLY B 72 -7.69 -21.85 6.62
C GLY B 72 -6.65 -21.28 7.59
N MET B 73 -5.75 -20.44 7.06
CA MET B 73 -4.70 -19.85 7.88
C MET B 73 -5.27 -18.92 8.93
N VAL B 74 -6.34 -18.20 8.60
CA VAL B 74 -6.95 -17.30 9.57
C VAL B 74 -7.33 -18.11 10.82
N LYS B 75 -8.00 -19.25 10.61
CA LYS B 75 -8.43 -20.11 11.71
C LYS B 75 -7.27 -20.64 12.54
N GLU B 76 -6.14 -20.94 11.91
CA GLU B 76 -4.98 -21.44 12.65
C GLU B 76 -4.53 -20.39 13.66
N LEU B 77 -4.53 -19.13 13.24
CA LEU B 77 -4.12 -18.02 14.10
C LEU B 77 -5.13 -17.78 15.21
N ILE B 78 -6.41 -17.84 14.87
CA ILE B 78 -7.46 -17.64 15.86
C ILE B 78 -7.35 -18.70 16.94
N ASP B 79 -7.11 -19.94 16.51
CA ASP B 79 -7.00 -21.06 17.43
C ASP B 79 -5.63 -21.20 18.08
N HIS B 80 -4.73 -20.26 17.78
CA HIS B 80 -3.39 -20.29 18.35
C HIS B 80 -2.61 -21.56 17.99
N ARG B 81 -2.78 -22.05 16.77
CA ARG B 81 -2.07 -23.21 16.28
C ARG B 81 -0.85 -22.76 15.47
N ALA B 82 -0.77 -21.46 15.22
CA ALA B 82 0.34 -20.85 14.49
C ALA B 82 0.67 -19.52 15.14
N ASP B 83 1.94 -19.13 15.13
CA ASP B 83 2.32 -17.84 15.70
C ASP B 83 2.23 -16.79 14.59
N LEU B 84 2.52 -17.22 13.36
CA LEU B 84 2.48 -16.31 12.22
C LEU B 84 1.93 -16.98 10.97
N ALA B 85 1.40 -16.15 10.09
CA ALA B 85 0.89 -16.58 8.81
C ALA B 85 1.69 -15.74 7.83
N VAL B 86 2.51 -16.39 7.01
CA VAL B 86 3.32 -15.70 6.02
C VAL B 86 3.01 -16.30 4.66
N ALA B 87 2.25 -15.57 3.85
CA ALA B 87 1.85 -16.04 2.54
C ALA B 87 1.11 -14.91 1.81
N PRO B 88 0.54 -15.19 0.62
CA PRO B 88 -0.18 -14.14 -0.11
C PRO B 88 -1.54 -13.96 0.56
N LEU B 89 -1.52 -13.62 1.85
CA LEU B 89 -2.75 -13.45 2.61
C LEU B 89 -3.18 -11.99 2.58
N THR B 90 -4.32 -11.74 1.94
CA THR B 90 -4.81 -10.39 1.79
C THR B 90 -5.40 -9.78 3.07
N ILE B 91 -4.97 -8.54 3.33
CA ILE B 91 -5.44 -7.78 4.49
C ILE B 91 -6.82 -7.27 4.12
N THR B 92 -7.85 -7.82 4.76
CA THR B 92 -9.21 -7.40 4.49
C THR B 92 -9.92 -7.03 5.78
N TYR B 93 -11.00 -6.26 5.62
CA TYR B 93 -11.85 -5.79 6.71
C TYR B 93 -12.31 -6.92 7.64
N VAL B 94 -12.94 -7.95 7.07
CA VAL B 94 -13.46 -9.05 7.89
C VAL B 94 -12.36 -9.85 8.60
N ARG B 95 -11.24 -10.07 7.91
CA ARG B 95 -10.14 -10.80 8.55
C ARG B 95 -9.43 -9.96 9.63
N GLU B 96 -9.25 -8.66 9.37
CA GLU B 96 -8.56 -7.80 10.32
C GLU B 96 -9.29 -7.69 11.65
N LYS B 97 -10.57 -8.02 11.66
CA LYS B 97 -11.36 -7.98 12.88
C LYS B 97 -11.13 -9.23 13.74
N VAL B 98 -10.62 -10.31 13.15
CA VAL B 98 -10.39 -11.54 13.93
C VAL B 98 -8.93 -11.92 14.17
N ILE B 99 -8.00 -11.27 13.47
CA ILE B 99 -6.56 -11.53 13.68
C ILE B 99 -5.85 -10.18 13.58
N ASP B 100 -4.55 -10.18 13.83
CA ASP B 100 -3.77 -8.96 13.74
C ASP B 100 -2.76 -8.99 12.60
N PHE B 101 -3.03 -8.21 11.57
CA PHE B 101 -2.13 -8.13 10.47
C PHE B 101 -0.99 -7.13 10.68
N SER B 102 0.20 -7.57 10.28
CA SER B 102 1.35 -6.65 10.25
C SER B 102 1.02 -5.68 9.04
N LYS B 103 1.91 -4.73 8.81
CA LYS B 103 1.76 -3.77 7.71
C LYS B 103 2.23 -4.43 6.43
N PRO B 104 1.51 -4.18 5.35
CA PRO B 104 1.78 -4.78 4.06
C PRO B 104 3.17 -4.83 3.61
N PHE B 105 3.60 -6.01 3.19
CA PHE B 105 4.95 -6.16 2.71
C PHE B 105 4.91 -6.19 1.19
N MET B 106 3.71 -6.01 0.65
CA MET B 106 3.47 -6.00 -0.78
C MET B 106 2.10 -5.39 -1.05
N THR B 107 2.07 -4.41 -1.93
CA THR B 107 0.83 -3.73 -2.27
C THR B 107 0.35 -4.20 -3.63
N LEU B 108 -0.96 -4.31 -3.79
CA LEU B 108 -1.52 -4.78 -5.05
C LEU B 108 -2.99 -4.47 -5.18
N GLY B 109 -3.63 -5.12 -6.15
CA GLY B 109 -5.03 -4.92 -6.38
C GLY B 109 -5.60 -5.96 -7.32
N ILE B 110 -6.91 -6.05 -7.36
CA ILE B 110 -7.58 -7.01 -8.23
C ILE B 110 -7.54 -6.50 -9.66
N SER B 111 -7.19 -7.38 -10.59
CA SER B 111 -7.18 -7.01 -12.01
C SER B 111 -7.66 -8.18 -12.83
N ILE B 112 -7.46 -8.10 -14.14
CA ILE B 112 -7.94 -9.14 -15.04
C ILE B 112 -6.86 -9.88 -15.82
N LEU B 113 -6.92 -11.20 -15.80
CA LEU B 113 -5.99 -12.04 -16.54
C LEU B 113 -6.78 -12.54 -17.76
N TYR B 114 -6.23 -12.34 -18.95
CA TYR B 114 -6.92 -12.74 -20.18
C TYR B 114 -5.86 -12.86 -21.26
N ARG B 115 -6.26 -13.26 -22.46
CA ARG B 115 -5.27 -13.39 -23.53
C ARG B 115 -5.10 -12.07 -24.27
N LYS B 116 -3.94 -11.90 -24.90
CA LYS B 116 -3.63 -10.69 -25.66
C LYS B 116 -4.39 -10.67 -26.98
N GLY B 117 -4.44 -9.50 -27.61
CA GLY B 117 -5.09 -9.38 -28.90
C GLY B 117 -6.60 -9.36 -28.99
N THR B 118 -7.27 -8.96 -27.91
CA THR B 118 -8.73 -8.89 -27.93
C THR B 118 -9.14 -7.45 -27.72
N PRO B 119 -10.42 -7.13 -27.92
CA PRO B 119 -10.93 -5.76 -27.74
C PRO B 119 -11.28 -5.46 -26.28
N ILE B 120 -11.23 -6.49 -25.42
CA ILE B 120 -11.56 -6.30 -24.01
C ILE B 120 -10.53 -5.36 -23.37
N ASP B 121 -11.02 -4.28 -22.78
CA ASP B 121 -10.10 -3.33 -22.18
C ASP B 121 -10.32 -3.02 -20.70
N SER B 122 -11.42 -3.49 -20.13
CA SER B 122 -11.70 -3.22 -18.72
C SER B 122 -12.73 -4.17 -18.16
N ALA B 123 -13.00 -4.03 -16.86
CA ALA B 123 -13.99 -4.87 -16.20
C ALA B 123 -15.37 -4.56 -16.75
N ASP B 124 -15.61 -3.29 -17.06
CA ASP B 124 -16.89 -2.86 -17.58
C ASP B 124 -17.18 -3.58 -18.90
N ASP B 125 -16.16 -3.79 -19.72
CA ASP B 125 -16.35 -4.47 -21.00
C ASP B 125 -16.85 -5.90 -20.76
N LEU B 126 -16.38 -6.53 -19.69
CA LEU B 126 -16.80 -7.89 -19.38
C LEU B 126 -18.21 -7.93 -18.79
N ALA B 127 -18.48 -7.02 -17.86
CA ALA B 127 -19.77 -6.95 -17.19
C ALA B 127 -20.98 -6.69 -18.07
N LYS B 128 -20.80 -5.90 -19.13
CA LYS B 128 -21.93 -5.60 -20.00
C LYS B 128 -22.19 -6.67 -21.06
N GLN B 129 -21.23 -7.55 -21.28
CA GLN B 129 -21.40 -8.62 -22.27
C GLN B 129 -21.68 -9.93 -21.55
N THR B 130 -21.88 -11.00 -22.31
CA THR B 130 -22.19 -12.29 -21.71
C THR B 130 -21.58 -13.51 -22.38
N LYS B 131 -21.11 -13.33 -23.62
CA LYS B 131 -20.50 -14.43 -24.36
C LYS B 131 -19.18 -14.90 -23.73
N ILE B 132 -18.34 -13.95 -23.35
CA ILE B 132 -17.06 -14.25 -22.72
C ILE B 132 -17.30 -14.58 -21.25
N GLU B 133 -16.74 -15.69 -20.79
CA GLU B 133 -16.90 -16.06 -19.40
C GLU B 133 -15.82 -15.48 -18.50
N TYR B 134 -16.19 -15.21 -17.25
CA TYR B 134 -15.22 -14.65 -16.31
C TYR B 134 -15.58 -15.01 -14.89
N GLY B 135 -14.56 -15.21 -14.06
CA GLY B 135 -14.77 -15.57 -12.67
C GLY B 135 -13.52 -15.34 -11.82
N ALA B 136 -13.44 -16.03 -10.69
CA ALA B 136 -12.32 -15.88 -9.77
C ALA B 136 -12.17 -17.13 -8.92
N VAL B 137 -11.06 -17.21 -8.19
CA VAL B 137 -10.82 -18.37 -7.34
C VAL B 137 -11.82 -18.31 -6.19
N ARG B 138 -12.55 -19.41 -6.01
CA ARG B 138 -13.59 -19.51 -4.98
C ARG B 138 -13.07 -19.24 -3.56
N ASP B 139 -13.87 -18.49 -2.79
CA ASP B 139 -13.58 -18.15 -1.41
C ASP B 139 -12.34 -17.32 -1.11
N GLY B 140 -11.71 -16.79 -2.14
CA GLY B 140 -10.54 -15.95 -1.93
C GLY B 140 -11.02 -14.53 -1.71
N SER B 141 -10.12 -13.64 -1.29
CA SER B 141 -10.52 -12.26 -1.05
C SER B 141 -11.04 -11.58 -2.34
N THR B 142 -10.60 -12.06 -3.50
CA THR B 142 -11.09 -11.48 -4.75
C THR B 142 -12.58 -11.80 -4.90
N MET B 143 -12.95 -13.06 -4.81
CA MET B 143 -14.36 -13.42 -4.95
C MET B 143 -15.21 -12.69 -3.92
N THR B 144 -14.68 -12.58 -2.70
CA THR B 144 -15.40 -11.93 -1.63
C THR B 144 -15.67 -10.47 -1.96
N PHE B 145 -14.69 -9.82 -2.57
CA PHE B 145 -14.83 -8.43 -2.95
C PHE B 145 -16.08 -8.27 -3.83
N PHE B 146 -16.17 -9.11 -4.86
CA PHE B 146 -17.30 -9.05 -5.76
C PHE B 146 -18.60 -9.41 -5.05
N LYS B 147 -18.52 -10.41 -4.18
CA LYS B 147 -19.69 -10.86 -3.46
C LYS B 147 -20.28 -9.77 -2.56
N LYS B 148 -19.42 -8.96 -1.94
CA LYS B 148 -19.89 -7.93 -1.04
C LYS B 148 -19.95 -6.53 -1.63
N SER B 149 -19.51 -6.37 -2.88
CA SER B 149 -19.53 -5.05 -3.48
C SER B 149 -20.93 -4.52 -3.74
N LYS B 150 -21.09 -3.20 -3.61
CA LYS B 150 -22.36 -2.53 -3.83
C LYS B 150 -22.23 -1.61 -5.03
N ILE B 151 -21.10 -1.72 -5.73
CA ILE B 151 -20.85 -0.92 -6.91
C ILE B 151 -21.53 -1.62 -8.08
N SER B 152 -22.31 -0.85 -8.83
CA SER B 152 -23.06 -1.36 -9.97
C SER B 152 -22.35 -2.39 -10.85
N THR B 153 -21.23 -1.98 -11.45
CA THR B 153 -20.48 -2.87 -12.33
C THR B 153 -20.07 -4.18 -11.64
N TYR B 154 -19.56 -4.07 -10.42
CA TYR B 154 -19.12 -5.24 -9.71
C TYR B 154 -20.29 -6.10 -9.22
N GLU B 155 -21.39 -5.46 -8.84
CA GLU B 155 -22.57 -6.18 -8.40
C GLU B 155 -23.06 -7.07 -9.54
N LYS B 156 -23.08 -6.50 -10.74
CA LYS B 156 -23.51 -7.22 -11.92
C LYS B 156 -22.56 -8.36 -12.27
N MET B 157 -21.25 -8.11 -12.15
CA MET B 157 -20.27 -9.14 -12.45
C MET B 157 -20.42 -10.29 -11.45
N TRP B 158 -20.76 -9.96 -10.21
CA TRP B 158 -20.96 -10.99 -9.20
C TRP B 158 -22.21 -11.80 -9.57
N ALA B 159 -23.26 -11.10 -10.01
CA ALA B 159 -24.48 -11.78 -10.40
C ALA B 159 -24.15 -12.85 -11.45
N PHE B 160 -23.21 -12.53 -12.33
CA PHE B 160 -22.81 -13.47 -13.37
C PHE B 160 -21.98 -14.61 -12.79
N MET B 161 -20.98 -14.24 -11.98
CA MET B 161 -20.10 -15.22 -11.37
C MET B 161 -20.85 -16.27 -10.56
N SER B 162 -21.80 -15.82 -9.75
CA SER B 162 -22.56 -16.74 -8.91
C SER B 162 -23.68 -17.47 -9.65
N SER B 163 -23.76 -17.27 -10.96
CA SER B 163 -24.79 -17.91 -11.78
C SER B 163 -24.48 -19.39 -11.98
N ARG B 164 -25.51 -20.15 -12.35
CA ARG B 164 -25.35 -21.56 -12.64
C ARG B 164 -24.46 -22.30 -11.63
N GLN B 165 -24.74 -22.10 -10.35
CA GLN B 165 -23.98 -22.74 -9.27
C GLN B 165 -22.50 -22.40 -9.26
N GLN B 166 -22.17 -21.16 -9.60
CA GLN B 166 -20.79 -20.70 -9.62
C GLN B 166 -19.90 -21.46 -10.62
N SER B 167 -20.49 -21.88 -11.74
CA SER B 167 -19.71 -22.61 -12.75
C SER B 167 -18.55 -21.77 -13.28
N ALA B 168 -18.65 -20.45 -13.16
CA ALA B 168 -17.61 -19.56 -13.64
C ALA B 168 -16.43 -19.41 -12.68
N LEU B 169 -16.53 -19.97 -11.48
CA LEU B 169 -15.44 -19.87 -10.51
C LEU B 169 -14.54 -21.09 -10.60
N VAL B 170 -13.29 -20.93 -10.20
CA VAL B 170 -12.31 -22.02 -10.23
C VAL B 170 -11.87 -22.33 -8.81
N LYS B 171 -11.35 -23.53 -8.60
CA LYS B 171 -10.89 -23.94 -7.28
C LYS B 171 -9.58 -23.28 -6.84
N ASN B 172 -8.70 -23.00 -7.80
CA ASN B 172 -7.42 -22.37 -7.46
C ASN B 172 -6.84 -21.61 -8.66
N SER B 173 -5.76 -20.86 -8.41
CA SER B 173 -5.12 -20.06 -9.46
C SER B 173 -4.67 -20.87 -10.67
N ASP B 174 -4.03 -22.01 -10.43
CA ASP B 174 -3.58 -22.85 -11.53
C ASP B 174 -4.75 -23.22 -12.45
N GLU B 175 -5.86 -23.61 -11.86
CA GLU B 175 -7.04 -23.98 -12.65
C GLU B 175 -7.52 -22.79 -13.46
N GLY B 176 -7.54 -21.61 -12.83
CA GLY B 176 -7.97 -20.41 -13.51
C GLY B 176 -7.11 -20.11 -14.73
N ILE B 177 -5.80 -20.20 -14.57
CA ILE B 177 -4.87 -19.92 -15.66
C ILE B 177 -5.07 -20.90 -16.82
N GLN B 178 -5.23 -22.18 -16.53
CA GLN B 178 -5.43 -23.15 -17.60
C GLN B 178 -6.73 -22.87 -18.33
N ARG B 179 -7.75 -22.46 -17.58
CA ARG B 179 -9.04 -22.15 -18.17
C ARG B 179 -8.92 -20.93 -19.09
N VAL B 180 -8.10 -19.95 -18.70
CA VAL B 180 -7.91 -18.75 -19.52
C VAL B 180 -7.16 -19.12 -20.81
N LEU B 181 -6.16 -20.00 -20.68
CA LEU B 181 -5.36 -20.44 -21.81
C LEU B 181 -6.11 -21.28 -22.84
N THR B 182 -7.03 -22.09 -22.36
CA THR B 182 -7.77 -23.02 -23.20
C THR B 182 -9.11 -22.54 -23.77
N THR B 183 -9.87 -21.83 -22.95
CA THR B 183 -11.18 -21.36 -23.39
C THR B 183 -11.27 -19.84 -23.42
N ASP B 184 -12.46 -19.35 -23.76
CA ASP B 184 -12.68 -17.92 -23.80
C ASP B 184 -13.11 -17.52 -22.39
N TYR B 185 -12.12 -17.42 -21.50
CA TYR B 185 -12.36 -17.11 -20.11
C TYR B 185 -11.37 -16.07 -19.59
N ALA B 186 -11.84 -15.20 -18.71
CA ALA B 186 -11.02 -14.16 -18.10
C ALA B 186 -11.04 -14.41 -16.59
N LEU B 187 -9.86 -14.30 -15.96
CA LEU B 187 -9.74 -14.54 -14.53
C LEU B 187 -9.44 -13.28 -13.73
N LEU B 188 -10.37 -12.88 -12.88
CA LEU B 188 -10.17 -11.73 -12.02
C LEU B 188 -9.28 -12.27 -10.92
N MET B 189 -8.10 -11.68 -10.79
CA MET B 189 -7.11 -12.17 -9.83
C MET B 189 -6.15 -11.04 -9.43
N GLU B 190 -5.61 -11.13 -8.23
CA GLU B 190 -4.69 -10.11 -7.75
C GLU B 190 -3.57 -9.86 -8.73
N SER B 191 -3.29 -8.58 -8.98
CA SER B 191 -2.27 -8.14 -9.93
C SER B 191 -0.89 -8.76 -9.80
N THR B 192 -0.46 -9.03 -8.57
CA THR B 192 0.84 -9.61 -8.35
C THR B 192 0.96 -11.00 -9.00
N SER B 193 -0.10 -11.78 -8.89
CA SER B 193 -0.09 -13.11 -9.49
C SER B 193 -0.20 -12.98 -11.00
N ILE B 194 -1.01 -12.04 -11.48
CA ILE B 194 -1.15 -11.84 -12.90
C ILE B 194 0.22 -11.49 -13.51
N GLU B 195 0.94 -10.59 -12.86
CA GLU B 195 2.26 -10.18 -13.31
C GLU B 195 3.15 -11.42 -13.45
N TYR B 196 3.15 -12.26 -12.43
CA TYR B 196 3.94 -13.48 -12.42
C TYR B 196 3.61 -14.35 -13.64
N VAL B 197 2.31 -14.56 -13.88
CA VAL B 197 1.83 -15.36 -15.01
C VAL B 197 2.24 -14.77 -16.36
N THR B 198 1.93 -13.49 -16.56
CA THR B 198 2.26 -12.83 -17.83
C THR B 198 3.75 -12.82 -18.15
N GLN B 199 4.60 -12.91 -17.14
CA GLN B 199 6.04 -12.95 -17.37
C GLN B 199 6.39 -14.31 -17.96
N ARG B 200 5.58 -15.31 -17.66
CA ARG B 200 5.83 -16.67 -18.11
C ARG B 200 4.92 -17.20 -19.22
N ASN B 201 3.92 -16.42 -19.62
CA ASN B 201 3.00 -16.83 -20.68
C ASN B 201 2.82 -15.63 -21.60
N CYS B 202 3.70 -15.51 -22.58
CA CYS B 202 3.69 -14.39 -23.51
C CYS B 202 2.38 -14.16 -24.25
N ASN B 203 1.47 -15.11 -24.18
CA ASN B 203 0.19 -14.98 -24.86
C ASN B 203 -0.91 -14.42 -23.93
N LEU B 204 -0.59 -14.24 -22.66
CA LEU B 204 -1.55 -13.71 -21.71
C LEU B 204 -1.14 -12.31 -21.28
N THR B 205 -2.12 -11.51 -20.86
CA THR B 205 -1.84 -10.16 -20.44
C THR B 205 -2.85 -9.69 -19.39
N GLN B 206 -2.54 -8.56 -18.77
CA GLN B 206 -3.41 -7.97 -17.77
C GLN B 206 -4.35 -7.01 -18.50
N ILE B 207 -5.64 -7.05 -18.18
CA ILE B 207 -6.61 -6.18 -18.83
C ILE B 207 -6.99 -5.07 -17.85
N GLY B 208 -6.81 -3.83 -18.28
CA GLY B 208 -7.14 -2.71 -17.42
C GLY B 208 -6.14 -2.59 -16.28
N GLY B 209 -6.48 -1.76 -15.31
CA GLY B 209 -5.59 -1.59 -14.19
C GLY B 209 -6.15 -2.29 -12.98
N LEU B 210 -5.82 -1.76 -11.81
CA LEU B 210 -6.30 -2.33 -10.56
C LEU B 210 -7.65 -1.71 -10.26
N ILE B 211 -8.61 -2.54 -9.88
CA ILE B 211 -9.93 -2.02 -9.56
C ILE B 211 -9.98 -1.64 -8.10
N ASP B 212 -8.93 -1.99 -7.34
CA ASP B 212 -8.88 -1.65 -5.92
C ASP B 212 -7.44 -1.65 -5.40
N SER B 213 -7.27 -1.33 -4.13
CA SER B 213 -5.94 -1.28 -3.52
C SER B 213 -5.93 -2.03 -2.18
N LYS B 214 -4.97 -2.93 -2.01
CA LYS B 214 -4.88 -3.72 -0.80
C LYS B 214 -3.47 -4.30 -0.70
N GLY B 215 -3.17 -4.95 0.41
CA GLY B 215 -1.85 -5.50 0.57
C GLY B 215 -1.80 -6.84 1.25
N TYR B 216 -0.64 -7.49 1.19
CA TYR B 216 -0.44 -8.77 1.83
C TYR B 216 0.25 -8.45 3.14
N GLY B 217 -0.24 -9.02 4.24
CA GLY B 217 0.38 -8.73 5.51
C GLY B 217 0.68 -10.03 6.25
N VAL B 218 1.62 -9.97 7.19
CA VAL B 218 1.95 -11.14 7.97
C VAL B 218 0.85 -11.25 9.02
N GLY B 219 0.17 -12.38 9.07
CA GLY B 219 -0.89 -12.52 10.05
C GLY B 219 -0.40 -13.03 11.39
N THR B 220 -1.06 -12.60 12.47
CA THR B 220 -0.74 -13.04 13.82
C THR B 220 -2.02 -13.08 14.65
N PRO B 221 -2.05 -13.87 15.72
CA PRO B 221 -3.26 -13.93 16.55
C PRO B 221 -3.48 -12.56 17.17
N ILE B 222 -4.74 -12.21 17.43
CA ILE B 222 -5.06 -10.93 18.04
C ILE B 222 -4.30 -10.81 19.35
N GLY B 223 -3.68 -9.66 19.59
CA GLY B 223 -2.93 -9.45 20.80
C GLY B 223 -1.50 -9.97 20.75
N SER B 224 -1.06 -10.39 19.57
CA SER B 224 0.29 -10.90 19.43
C SER B 224 1.35 -9.83 19.66
N PRO B 225 2.40 -10.17 20.41
CA PRO B 225 3.48 -9.22 20.68
C PRO B 225 4.38 -9.08 19.46
N TYR B 226 4.25 -9.99 18.51
CA TYR B 226 5.09 -9.93 17.31
C TYR B 226 4.55 -9.05 16.19
N ARG B 227 3.25 -8.78 16.18
CA ARG B 227 2.70 -7.96 15.09
C ARG B 227 3.43 -6.64 14.85
N ASP B 228 3.50 -5.80 15.87
CA ASP B 228 4.16 -4.51 15.72
C ASP B 228 5.63 -4.66 15.37
N LYS B 229 6.25 -5.68 15.92
CA LYS B 229 7.66 -5.94 15.66
C LYS B 229 7.87 -6.32 14.19
N ILE B 230 6.97 -7.14 13.67
CA ILE B 230 7.06 -7.55 12.27
C ILE B 230 6.86 -6.33 11.39
N THR B 231 5.85 -5.52 11.74
CA THR B 231 5.56 -4.31 11.00
C THR B 231 6.81 -3.44 10.88
N ILE B 232 7.41 -3.11 12.02
CA ILE B 232 8.60 -2.29 12.00
C ILE B 232 9.70 -2.91 11.13
N ALA B 233 9.87 -4.23 11.20
CA ALA B 233 10.90 -4.89 10.39
C ALA B 233 10.59 -4.77 8.89
N ILE B 234 9.32 -4.94 8.54
CA ILE B 234 8.91 -4.84 7.14
C ILE B 234 9.20 -3.44 6.58
N LEU B 235 8.85 -2.41 7.35
CA LEU B 235 9.09 -1.03 6.91
C LEU B 235 10.58 -0.82 6.66
N GLN B 236 11.40 -1.39 7.52
CA GLN B 236 12.85 -1.27 7.37
C GLN B 236 13.28 -1.99 6.10
N LEU B 237 12.70 -3.15 5.84
CA LEU B 237 13.06 -3.90 4.65
C LEU B 237 12.68 -3.14 3.38
N GLN B 238 11.50 -2.51 3.37
CA GLN B 238 11.10 -1.77 2.18
C GLN B 238 11.93 -0.49 1.99
N GLU B 239 12.25 0.20 3.10
CA GLU B 239 13.05 1.42 2.99
C GLU B 239 14.48 1.11 2.52
N GLU B 240 14.94 -0.10 2.77
CA GLU B 240 16.29 -0.51 2.35
C GLU B 240 16.28 -1.03 0.92
N GLY B 241 15.08 -1.20 0.36
CA GLY B 241 14.94 -1.69 -1.00
C GLY B 241 15.00 -3.21 -1.10
N LYS B 242 15.02 -3.88 0.04
CA LYS B 242 15.09 -5.33 0.05
C LYS B 242 13.82 -6.02 -0.42
N LEU B 243 12.66 -5.46 -0.11
CA LEU B 243 11.42 -6.08 -0.56
C LEU B 243 11.32 -6.00 -2.07
N HIS B 244 11.79 -4.89 -2.65
CA HIS B 244 11.75 -4.72 -4.10
C HIS B 244 12.71 -5.73 -4.75
N MET B 245 13.88 -5.92 -4.15
CA MET B 245 14.85 -6.88 -4.66
C MET B 245 14.28 -8.29 -4.62
N MET B 246 13.62 -8.64 -3.52
CA MET B 246 13.03 -9.97 -3.41
C MET B 246 11.97 -10.20 -4.47
N LYS B 247 11.15 -9.21 -4.74
CA LYS B 247 10.12 -9.38 -5.75
C LYS B 247 10.77 -9.58 -7.11
N GLU B 248 11.72 -8.72 -7.44
CA GLU B 248 12.43 -8.81 -8.71
C GLU B 248 13.08 -10.19 -8.90
N LYS B 249 13.56 -10.75 -7.80
CA LYS B 249 14.21 -12.06 -7.84
C LYS B 249 13.27 -13.20 -8.21
N TRP B 250 12.08 -13.23 -7.64
CA TRP B 250 11.12 -14.30 -7.91
C TRP B 250 10.13 -14.05 -9.05
N TRP B 251 10.02 -12.80 -9.50
CA TRP B 251 9.07 -12.49 -10.56
C TRP B 251 9.65 -12.50 -11.97
N ARG B 252 10.84 -11.95 -12.13
CA ARG B 252 11.48 -11.88 -13.44
C ARG B 252 11.35 -13.20 -14.21
N GLY B 253 10.75 -13.12 -15.40
CA GLY B 253 10.58 -14.29 -16.23
C GLY B 253 11.79 -14.50 -17.13
N ASN B 254 11.54 -14.90 -18.38
CA ASN B 254 12.65 -15.13 -19.30
C ASN B 254 12.60 -14.22 -20.50
N GLY B 255 11.57 -13.39 -20.56
CA GLY B 255 11.44 -12.50 -21.68
C GLY B 255 10.31 -12.93 -22.57
N CYS B 256 9.62 -11.93 -23.09
CA CYS B 256 8.49 -12.10 -23.99
C CYS B 256 8.59 -10.97 -25.01
CL CL C . -0.96 -2.04 11.71
CL CL D . 10.06 12.86 22.40
O4 IBC E . 7.23 13.70 6.18
C11 IBC E . 6.18 13.26 5.68
O3 IBC E . 5.34 12.53 6.23
C10 IBC E . 5.89 13.66 4.22
N2 IBC E . 4.56 13.16 3.85
C9 IBC E . 5.92 15.18 4.08
C4 IBC E . 5.38 15.62 2.71
C1 IBC E . 6.18 15.37 1.61
C5 IBC E . 4.11 16.20 2.67
C6 IBC E . 3.41 16.69 1.57
C7 IBC E . 3.76 16.74 0.22
C8 IBC E . 4.39 15.45 -0.30
C3 IBC E . 5.79 15.25 0.28
O1 IBC E . 6.89 14.95 -0.47
N1 IBC E . 8.00 14.88 0.41
C2 IBC E . 7.55 15.14 1.64
O2 IBC E . 8.26 15.17 2.65
O4 IBC F . -7.78 -14.53 0.00
C11 IBC F . -6.61 -14.10 -0.14
O3 IBC F . -5.85 -13.75 0.78
C10 IBC F . -6.08 -13.99 -1.57
N2 IBC F . -4.69 -13.53 -1.50
C9 IBC F . -6.13 -15.37 -2.23
C4 IBC F . -5.36 -15.41 -3.55
C1 IBC F . -5.93 -14.74 -4.64
C5 IBC F . -4.14 -16.07 -3.58
C6 IBC F . -3.25 -16.24 -4.64
C7 IBC F . -3.34 -15.82 -5.96
C8 IBC F . -3.80 -14.37 -6.12
C3 IBC F . -5.28 -14.24 -5.75
O1 IBC F . -6.20 -13.61 -6.54
N1 IBC F . -7.46 -13.73 -5.89
C2 IBC F . -7.27 -14.40 -4.76
O2 IBC F . -8.17 -14.68 -3.96
#